data_8ICO
#
_entry.id   8ICO
#
_cell.length_a   179.687
_cell.length_b   57.631
_cell.length_c   48.285
_cell.angle_alpha   90.00
_cell.angle_beta   90.00
_cell.angle_gamma   90.00
#
_symmetry.space_group_name_H-M   'P 21 21 2'
#
loop_
_entity.id
_entity.type
_entity.pdbx_description
1 polymer "DNA (5'-D(*CP*AP*TP*TP*AP*GP*AP*A)-3')"
2 polymer "DNA (5'-D(*TP*CP*TP*AP*AP*TP*G)-3')"
3 polymer 'PROTEIN (DNA POLYMERASE BETA (E.C.2.7.7.7))'
4 non-polymer 'MANGANESE (II) ION'
5 non-polymer 'SODIUM ION'
6 non-polymer "3'-AZIDO-3'-DEOXYTHYMIDINE-5'-TRIPHOSPHATE"
7 water water
#
loop_
_entity_poly.entity_id
_entity_poly.type
_entity_poly.pdbx_seq_one_letter_code
_entity_poly.pdbx_strand_id
1 'polydeoxyribonucleotide' (DC)(DA)(DT)(DT)(DA)(DG)(DA)(DA) T
2 'polydeoxyribonucleotide' (DT)(DC)(DT)(DA)(DA)(DT)(DG) P
3 'polypeptide(L)'
;MSKRKAPQETLNGGITDMLTELANFEKNVSQAIHKYNAYRKAASVIAKYPHKIKSGAEAKKLPGVGTKIAEKIDEFLATG
KLRKLEKIRQDDTSSSINFLTRVSGIGPSAARKFVDEGIKTLEDLRKNEDKLNHHQRIGLKYFGDFEKRIPREEMLQMQD
IVLNEVKKVDSEYIATVCGSFRRGAESSGDMDVLLTHPSFTSESTKQPKLLHQVVEQLQKVHFITDTLSKGETKFMGVCQ
LPSKNDEKEYPHRRIDIRLIPKDQYYCGVLYFTGSDIFNKNMRAHALEKGFTINEYTIRPLGVTGVAGEPLPVDSEKDIF
DYIQWKYREPKDRSE
;
A
#
loop_
_chem_comp.id
_chem_comp.type
_chem_comp.name
_chem_comp.formula
AZT non-polymer 3'-AZIDO-3'-DEOXYTHYMIDINE-5'-TRIPHOSPHATE 'C10 H16 N5 O13 P3'
DA DNA linking 2'-DEOXYADENOSINE-5'-MONOPHOSPHATE 'C10 H14 N5 O6 P'
DC DNA linking 2'-DEOXYCYTIDINE-5'-MONOPHOSPHATE 'C9 H14 N3 O7 P'
DG DNA linking 2'-DEOXYGUANOSINE-5'-MONOPHOSPHATE 'C10 H14 N5 O7 P'
DT DNA linking THYMIDINE-5'-MONOPHOSPHATE 'C10 H15 N2 O8 P'
MN non-polymer 'MANGANESE (II) ION' 'Mn 2'
NA non-polymer 'SODIUM ION' 'Na 1'
#
# COMPACT_ATOMS: atom_id res chain seq x y z
N GLU C 9 12.76 -18.50 6.19
CA GLU C 9 12.36 -17.41 7.06
C GLU C 9 13.51 -16.79 7.84
N THR C 10 14.64 -17.51 7.86
CA THR C 10 15.85 -17.06 8.57
C THR C 10 16.96 -18.03 8.14
N LEU C 11 16.48 -19.15 7.63
CA LEU C 11 17.45 -20.09 7.20
C LEU C 11 17.96 -19.68 5.89
N ASN C 12 17.22 -18.85 5.18
CA ASN C 12 17.76 -18.47 3.90
C ASN C 12 17.79 -16.96 3.72
N GLY C 13 17.63 -16.39 4.90
CA GLY C 13 17.59 -14.97 5.16
C GLY C 13 18.45 -14.05 4.32
N GLY C 14 19.79 -14.16 4.44
CA GLY C 14 20.70 -13.32 3.67
C GLY C 14 20.50 -13.51 2.18
N ILE C 15 20.38 -14.79 1.78
CA ILE C 15 20.19 -15.16 0.40
C ILE C 15 19.07 -14.46 -0.24
N THR C 16 17.96 -14.49 0.43
CA THR C 16 16.80 -13.81 -0.10
C THR C 16 16.96 -12.31 0.02
N ASP C 17 17.63 -11.89 1.05
CA ASP C 17 17.78 -10.46 1.20
C ASP C 17 18.74 -9.79 0.20
N MET C 18 19.82 -10.49 -0.05
CA MET C 18 20.79 -9.98 -0.95
C MET C 18 20.18 -9.92 -2.33
N LEU C 19 19.40 -10.96 -2.60
CA LEU C 19 18.66 -11.25 -3.86
C LEU C 19 17.68 -10.15 -4.20
N THR C 20 16.97 -9.72 -3.17
CA THR C 20 16.00 -8.67 -3.33
C THR C 20 16.75 -7.34 -3.42
N GLU C 21 17.89 -7.20 -2.73
CA GLU C 21 18.66 -5.98 -2.81
C GLU C 21 19.01 -5.76 -4.29
N LEU C 22 19.49 -6.87 -4.86
CA LEU C 22 19.88 -7.01 -6.23
C LEU C 22 18.70 -6.74 -7.17
N ALA C 23 17.53 -7.36 -6.89
CA ALA C 23 16.38 -7.15 -7.75
C ALA C 23 16.08 -5.71 -7.86
N ASN C 24 15.68 -5.18 -6.72
CA ASN C 24 15.35 -3.78 -6.57
C ASN C 24 16.34 -2.92 -7.24
N PHE C 25 17.54 -3.36 -7.28
CA PHE C 25 18.41 -2.46 -7.95
C PHE C 25 18.23 -2.50 -9.43
N GLU C 26 17.95 -3.66 -9.96
CA GLU C 26 17.78 -3.69 -11.40
C GLU C 26 16.61 -2.84 -11.84
N LYS C 27 15.50 -3.09 -11.23
CA LYS C 27 14.37 -2.31 -11.61
C LYS C 27 14.44 -0.75 -11.61
N ASN C 28 14.92 -0.15 -10.48
CA ASN C 28 15.08 1.29 -10.28
C ASN C 28 16.28 1.90 -10.98
N VAL C 29 17.48 1.57 -10.55
CA VAL C 29 18.60 2.18 -11.24
C VAL C 29 18.66 1.76 -12.67
N SER C 30 18.56 0.47 -12.89
CA SER C 30 18.60 0.00 -14.25
C SER C 30 17.17 -0.19 -14.73
N GLN C 31 16.93 -0.40 -15.96
CA GLN C 31 15.55 -0.55 -16.20
C GLN C 31 15.42 -1.93 -16.81
N ALA C 32 15.89 -2.92 -16.01
CA ALA C 32 15.93 -4.33 -16.41
C ALA C 32 14.97 -5.31 -15.79
N ILE C 33 13.72 -5.05 -16.05
CA ILE C 33 12.58 -5.81 -15.61
C ILE C 33 12.89 -7.31 -15.58
N HIS C 34 13.60 -7.75 -16.59
CA HIS C 34 13.96 -9.15 -16.68
C HIS C 34 14.81 -9.64 -15.52
N LYS C 35 16.04 -9.13 -15.42
CA LYS C 35 16.89 -9.55 -14.33
C LYS C 35 16.20 -9.25 -13.05
N TYR C 36 15.54 -8.14 -13.15
CA TYR C 36 14.86 -7.74 -12.00
C TYR C 36 13.79 -8.77 -11.69
N ASN C 37 13.25 -9.30 -12.74
CA ASN C 37 12.25 -10.31 -12.53
C ASN C 37 12.94 -11.57 -12.08
N ALA C 38 14.13 -11.81 -12.64
CA ALA C 38 14.90 -13.01 -12.30
C ALA C 38 15.15 -13.11 -10.80
N TYR C 39 15.83 -12.10 -10.25
CA TYR C 39 16.15 -12.06 -8.84
C TYR C 39 14.95 -12.33 -8.01
N ARG C 40 13.85 -11.85 -8.49
CA ARG C 40 12.65 -12.06 -7.74
C ARG C 40 12.07 -13.45 -7.55
N LYS C 41 12.06 -14.23 -8.65
CA LYS C 41 11.52 -15.58 -8.50
C LYS C 41 12.46 -16.43 -7.67
N ALA C 42 13.76 -16.25 -7.95
CA ALA C 42 14.78 -16.99 -7.22
C ALA C 42 14.62 -16.72 -5.77
N ALA C 43 14.51 -15.45 -5.47
CA ALA C 43 14.34 -15.07 -4.10
C ALA C 43 13.08 -15.72 -3.58
N SER C 44 12.08 -15.78 -4.42
CA SER C 44 10.86 -16.37 -3.99
C SER C 44 11.03 -17.81 -3.61
N VAL C 45 11.71 -18.58 -4.51
CA VAL C 45 11.97 -20.01 -4.33
C VAL C 45 12.89 -20.40 -3.24
N ILE C 46 14.08 -19.82 -3.21
CA ILE C 46 14.97 -20.18 -2.16
C ILE C 46 14.32 -19.94 -0.81
N ALA C 47 13.42 -18.98 -0.75
CA ALA C 47 12.73 -18.65 0.49
C ALA C 47 11.91 -19.78 1.07
N LYS C 48 11.30 -20.54 0.18
CA LYS C 48 10.47 -21.66 0.54
C LYS C 48 11.31 -22.83 1.07
N TYR C 49 12.35 -23.17 0.27
CA TYR C 49 13.27 -24.22 0.57
C TYR C 49 13.67 -24.19 2.04
N PRO C 50 13.30 -25.37 2.51
CA PRO C 50 13.32 -26.06 3.78
C PRO C 50 14.66 -26.40 4.35
N HIS C 51 15.72 -25.98 3.70
CA HIS C 51 16.98 -26.34 4.24
C HIS C 51 17.92 -25.23 4.05
N LYS C 52 19.06 -25.34 4.72
CA LYS C 52 20.09 -24.34 4.62
C LYS C 52 20.88 -24.50 3.34
N ILE C 53 20.74 -23.56 2.39
CA ILE C 53 21.49 -23.65 1.15
C ILE C 53 22.94 -23.58 1.57
N LYS C 54 23.69 -24.60 1.16
CA LYS C 54 25.07 -24.68 1.51
C LYS C 54 26.09 -24.32 0.48
N SER C 55 25.61 -24.11 -0.74
CA SER C 55 26.47 -23.75 -1.83
C SER C 55 25.64 -23.38 -3.04
N GLY C 56 26.27 -22.81 -4.00
CA GLY C 56 25.54 -22.43 -5.18
C GLY C 56 24.88 -23.59 -5.87
N ALA C 57 25.63 -24.64 -6.08
CA ALA C 57 25.04 -25.78 -6.75
C ALA C 57 23.74 -26.34 -6.18
N GLU C 58 23.69 -26.38 -4.89
CA GLU C 58 22.56 -26.88 -4.23
C GLU C 58 21.42 -26.06 -4.57
N ALA C 59 21.72 -24.75 -4.55
CA ALA C 59 20.71 -23.75 -4.85
C ALA C 59 20.29 -23.93 -6.25
N LYS C 60 21.33 -24.08 -7.06
CA LYS C 60 21.26 -24.26 -8.49
C LYS C 60 20.14 -25.12 -9.05
N LYS C 61 19.82 -26.19 -8.31
CA LYS C 61 18.80 -27.18 -8.58
C LYS C 61 17.42 -26.56 -8.61
N LEU C 62 17.35 -25.46 -7.92
CA LEU C 62 16.11 -24.81 -7.87
C LEU C 62 15.73 -24.23 -9.20
N PRO C 63 14.45 -24.23 -9.35
CA PRO C 63 13.80 -23.69 -10.49
C PRO C 63 14.01 -22.18 -10.28
N GLY C 64 14.54 -21.51 -11.31
CA GLY C 64 14.78 -20.08 -11.26
C GLY C 64 16.23 -19.81 -10.97
N VAL C 65 16.90 -20.75 -10.39
CA VAL C 65 18.23 -20.37 -10.16
C VAL C 65 19.13 -20.99 -11.12
N GLY C 66 19.83 -20.12 -11.70
CA GLY C 66 20.77 -20.57 -12.66
C GLY C 66 22.18 -20.23 -12.25
N THR C 67 22.99 -20.23 -13.26
CA THR C 67 24.36 -19.96 -13.13
C THR C 67 24.65 -18.60 -12.59
N LYS C 68 23.99 -17.58 -13.15
CA LYS C 68 24.26 -16.25 -12.66
C LYS C 68 24.12 -16.03 -11.18
N ILE C 69 22.93 -16.38 -10.72
CA ILE C 69 22.61 -16.26 -9.33
C ILE C 69 23.38 -17.24 -8.43
N ALA C 70 23.60 -18.45 -8.91
CA ALA C 70 24.31 -19.44 -8.13
C ALA C 70 25.65 -18.90 -7.79
N GLU C 71 26.24 -18.24 -8.73
CA GLU C 71 27.53 -17.69 -8.46
C GLU C 71 27.54 -16.62 -7.36
N LYS C 72 26.47 -15.85 -7.33
CA LYS C 72 26.36 -14.82 -6.34
C LYS C 72 26.16 -15.50 -5.03
N ILE C 73 25.31 -16.54 -5.05
CA ILE C 73 25.05 -17.29 -3.84
C ILE C 73 26.40 -17.73 -3.24
N ASP C 74 27.32 -18.25 -4.05
CA ASP C 74 28.59 -18.65 -3.45
C ASP C 74 29.37 -17.54 -2.70
N GLU C 75 29.83 -16.54 -3.44
CA GLU C 75 30.59 -15.39 -2.92
C GLU C 75 29.97 -14.85 -1.67
N PHE C 76 28.70 -15.00 -1.60
CA PHE C 76 28.09 -14.52 -0.43
C PHE C 76 28.23 -15.55 0.66
N LEU C 77 28.17 -16.83 0.31
CA LEU C 77 28.31 -17.82 1.37
C LEU C 77 29.70 -17.81 1.89
N ALA C 78 30.68 -17.72 0.97
CA ALA C 78 32.08 -17.69 1.37
C ALA C 78 32.36 -16.40 2.19
N THR C 79 32.52 -15.24 1.54
CA THR C 79 32.75 -13.98 2.25
C THR C 79 31.41 -13.41 2.63
N GLY C 80 31.18 -13.10 3.86
CA GLY C 80 29.88 -12.56 4.20
C GLY C 80 29.49 -11.25 3.53
N LYS C 81 29.83 -11.07 2.26
CA LYS C 81 29.51 -9.86 1.53
C LYS C 81 29.35 -10.20 0.10
N LEU C 82 29.29 -9.18 -0.76
CA LEU C 82 29.15 -9.36 -2.20
C LEU C 82 29.75 -8.16 -3.00
N ARG C 83 30.49 -8.40 -4.11
CA ARG C 83 31.03 -7.20 -4.77
C ARG C 83 30.04 -6.20 -5.26
N LYS C 84 29.27 -6.62 -6.22
CA LYS C 84 28.27 -5.80 -6.83
C LYS C 84 27.44 -5.12 -5.75
N LEU C 85 27.16 -5.82 -4.69
CA LEU C 85 26.38 -5.22 -3.62
C LEU C 85 27.14 -4.12 -2.90
N GLU C 86 28.47 -4.22 -2.87
CA GLU C 86 29.24 -3.18 -2.23
C GLU C 86 29.35 -2.05 -3.20
N LYS C 87 29.57 -2.43 -4.45
CA LYS C 87 29.66 -1.48 -5.52
C LYS C 87 28.40 -0.58 -5.51
N ILE C 88 27.20 -1.15 -5.76
CA ILE C 88 25.90 -0.46 -5.78
C ILE C 88 25.60 0.47 -4.61
N ARG C 89 25.74 -0.07 -3.43
CA ARG C 89 25.48 0.63 -2.19
C ARG C 89 26.30 1.95 -2.15
N GLN C 90 27.54 1.85 -2.59
CA GLN C 90 28.42 2.99 -2.62
C GLN C 90 27.96 4.02 -3.63
N ASP C 91 27.74 3.53 -4.87
CA ASP C 91 27.31 4.31 -6.03
C ASP C 91 26.43 5.46 -5.73
N ASP C 92 26.96 6.62 -5.99
CA ASP C 92 26.13 7.72 -5.70
C ASP C 92 24.95 7.84 -6.61
N THR C 93 25.17 7.51 -7.87
CA THR C 93 24.04 7.62 -8.74
C THR C 93 22.88 6.77 -8.31
N SER C 94 23.19 5.57 -8.01
CA SER C 94 22.12 4.78 -7.60
C SER C 94 21.55 5.20 -6.24
N SER C 95 22.33 5.74 -5.32
CA SER C 95 21.79 6.13 -4.01
C SER C 95 20.84 7.27 -4.17
N SER C 96 21.18 8.03 -5.17
CA SER C 96 20.42 9.20 -5.46
C SER C 96 19.04 8.89 -5.81
N ILE C 97 18.92 7.85 -6.58
CA ILE C 97 17.65 7.44 -7.00
C ILE C 97 16.89 6.85 -5.87
N ASN C 98 17.59 6.04 -5.10
CA ASN C 98 16.87 5.44 -4.04
C ASN C 98 16.29 6.42 -3.06
N PHE C 99 16.84 7.62 -3.13
CA PHE C 99 16.45 8.72 -2.26
C PHE C 99 15.32 9.61 -2.79
N LEU C 100 15.49 10.11 -4.01
CA LEU C 100 14.51 10.94 -4.62
C LEU C 100 13.16 10.24 -4.69
N THR C 101 13.29 8.98 -4.91
CA THR C 101 12.18 8.10 -5.00
C THR C 101 11.35 8.17 -3.73
N ARG C 102 11.85 8.82 -2.70
CA ARG C 102 11.08 8.91 -1.46
C ARG C 102 10.05 9.95 -1.38
N VAL C 103 10.13 10.84 -2.33
CA VAL C 103 9.23 11.96 -2.47
C VAL C 103 7.93 11.42 -2.98
N SER C 104 6.82 11.81 -2.40
CA SER C 104 5.58 11.25 -2.89
C SER C 104 5.45 11.82 -4.23
N GLY C 105 5.21 11.00 -5.22
CA GLY C 105 5.07 11.49 -6.56
C GLY C 105 6.29 11.25 -7.42
N ILE C 106 7.42 10.89 -6.84
CA ILE C 106 8.59 10.64 -7.63
C ILE C 106 8.73 9.19 -7.54
N GLY C 107 8.89 8.57 -8.67
CA GLY C 107 9.04 7.15 -8.83
C GLY C 107 10.37 7.01 -9.51
N PRO C 108 10.69 5.81 -9.90
CA PRO C 108 11.96 5.56 -10.51
C PRO C 108 12.23 6.32 -11.75
N SER C 109 11.22 6.35 -12.59
CA SER C 109 11.43 7.05 -13.80
C SER C 109 11.76 8.48 -13.60
N ALA C 110 11.00 9.14 -12.79
CA ALA C 110 11.36 10.49 -12.64
C ALA C 110 12.66 10.61 -11.87
N ALA C 111 12.94 9.66 -10.97
CA ALA C 111 14.17 9.77 -10.23
C ALA C 111 15.35 9.68 -11.16
N ARG C 112 15.25 8.82 -12.14
CA ARG C 112 16.37 8.72 -13.04
C ARG C 112 16.60 9.99 -13.77
N LYS C 113 15.54 10.49 -14.41
CA LYS C 113 15.60 11.72 -15.15
C LYS C 113 16.18 12.86 -14.34
N PHE C 114 15.66 13.07 -13.15
CA PHE C 114 16.16 14.16 -12.34
C PHE C 114 17.63 14.07 -12.08
N VAL C 115 17.97 12.88 -11.77
CA VAL C 115 19.34 12.61 -11.47
C VAL C 115 20.23 12.92 -12.62
N ASP C 116 19.74 12.59 -13.79
CA ASP C 116 20.51 12.86 -14.94
C ASP C 116 20.70 14.30 -15.08
N GLU C 117 19.65 15.06 -14.91
CA GLU C 117 19.82 16.47 -15.02
C GLU C 117 20.68 16.97 -13.90
N GLY C 118 21.02 16.07 -12.94
CA GLY C 118 21.86 16.43 -11.80
C GLY C 118 21.09 16.81 -10.54
N ILE C 119 19.86 16.37 -10.43
CA ILE C 119 19.19 16.72 -9.23
C ILE C 119 19.32 15.57 -8.30
N LYS C 120 20.12 15.70 -7.34
CA LYS C 120 20.23 14.56 -6.50
C LYS C 120 19.68 14.78 -5.11
N THR C 121 19.96 15.91 -4.54
CA THR C 121 19.51 16.26 -3.20
C THR C 121 18.12 16.95 -3.16
N LEU C 122 17.56 16.96 -1.97
CA LEU C 122 16.29 17.55 -1.64
C LEU C 122 16.37 19.01 -1.95
N GLU C 123 17.55 19.48 -1.70
CA GLU C 123 17.79 20.85 -2.00
C GLU C 123 17.71 21.13 -3.52
N ASP C 124 18.26 20.22 -4.32
CA ASP C 124 18.23 20.38 -5.75
C ASP C 124 16.84 20.49 -6.12
N LEU C 125 16.10 19.63 -5.52
CA LEU C 125 14.70 19.66 -5.80
C LEU C 125 14.13 20.98 -5.44
N ARG C 126 14.59 21.61 -4.38
CA ARG C 126 13.95 22.92 -4.09
C ARG C 126 14.18 24.02 -5.08
N LYS C 127 15.42 24.09 -5.53
CA LYS C 127 15.86 25.06 -6.46
C LYS C 127 15.24 24.80 -7.77
N ASN C 128 14.61 23.66 -7.87
CA ASN C 128 14.03 23.38 -9.13
C ASN C 128 12.62 22.97 -9.04
N GLU C 129 11.91 23.52 -8.07
CA GLU C 129 10.52 23.18 -7.91
C GLU C 129 9.75 23.29 -9.23
N ASP C 130 10.24 24.12 -10.10
CA ASP C 130 9.61 24.30 -11.39
C ASP C 130 9.48 23.04 -12.22
N LYS C 131 10.47 22.16 -12.14
CA LYS C 131 10.45 20.92 -12.88
C LYS C 131 9.61 19.84 -12.28
N LEU C 132 9.02 20.14 -11.18
CA LEU C 132 8.20 19.21 -10.46
C LEU C 132 6.68 19.44 -10.66
N ASN C 133 5.86 18.40 -10.90
CA ASN C 133 4.41 18.57 -11.04
C ASN C 133 3.77 18.72 -9.64
N HIS C 134 2.49 19.12 -9.60
CA HIS C 134 1.76 19.32 -8.37
C HIS C 134 1.99 18.33 -7.29
N HIS C 135 1.70 17.05 -7.56
CA HIS C 135 1.89 15.97 -6.60
C HIS C 135 3.23 16.13 -5.93
N GLN C 136 4.27 15.91 -6.71
CA GLN C 136 5.63 16.03 -6.25
C GLN C 136 6.01 17.31 -5.54
N ARG C 137 5.29 18.37 -5.81
CA ARG C 137 5.61 19.61 -5.16
C ARG C 137 5.07 19.50 -3.77
N ILE C 138 3.83 19.05 -3.73
CA ILE C 138 3.23 18.90 -2.43
C ILE C 138 4.05 17.84 -1.69
N GLY C 139 4.49 16.86 -2.43
CA GLY C 139 5.27 15.82 -1.85
C GLY C 139 6.53 16.38 -1.26
N LEU C 140 7.13 17.34 -1.98
CA LEU C 140 8.38 18.01 -1.59
C LEU C 140 8.18 18.87 -0.38
N LYS C 141 7.09 19.57 -0.41
CA LYS C 141 6.70 20.44 0.65
C LYS C 141 6.60 19.77 1.99
N TYR C 142 5.89 18.66 2.06
CA TYR C 142 5.74 17.94 3.31
C TYR C 142 6.58 16.73 3.42
N PHE C 143 7.71 16.70 2.77
CA PHE C 143 8.55 15.55 2.84
C PHE C 143 8.76 15.09 4.27
N GLY C 144 9.09 16.02 5.12
CA GLY C 144 9.31 15.68 6.51
C GLY C 144 8.06 15.03 7.11
N ASP C 145 6.95 15.76 7.21
CA ASP C 145 5.74 15.19 7.77
C ASP C 145 5.29 13.94 7.07
N PHE C 146 5.58 13.77 5.78
CA PHE C 146 5.06 12.55 5.22
C PHE C 146 5.77 11.33 5.70
N GLU C 147 7.00 11.49 6.16
CA GLU C 147 7.70 10.31 6.59
C GLU C 147 7.41 9.77 7.98
N LYS C 148 6.71 10.58 8.75
CA LYS C 148 6.32 10.28 10.11
C LYS C 148 5.08 9.41 10.22
N ARG C 149 5.07 8.58 11.25
CA ARG C 149 3.98 7.69 11.50
C ARG C 149 2.84 8.43 12.19
N ILE C 150 1.60 7.89 12.13
CA ILE C 150 0.47 8.56 12.75
C ILE C 150 0.09 7.99 14.11
N PRO C 151 0.39 8.75 15.20
CA PRO C 151 0.05 8.22 16.51
C PRO C 151 -1.45 8.03 16.53
N ARG C 152 -1.83 6.81 16.92
CA ARG C 152 -3.23 6.43 17.01
C ARG C 152 -4.03 7.48 17.73
N GLU C 153 -3.43 8.00 18.78
CA GLU C 153 -4.03 9.01 19.62
C GLU C 153 -4.60 10.14 18.76
N GLU C 154 -3.93 10.43 17.60
CA GLU C 154 -4.30 11.47 16.61
C GLU C 154 -5.29 10.92 15.61
N MET C 155 -5.04 9.68 15.23
CA MET C 155 -5.85 8.96 14.31
C MET C 155 -7.33 9.09 14.76
N LEU C 156 -7.55 8.93 16.10
CA LEU C 156 -8.84 9.00 16.81
C LEU C 156 -9.49 10.38 16.70
N GLN C 157 -8.64 11.41 16.78
CA GLN C 157 -9.20 12.73 16.66
C GLN C 157 -9.57 13.02 15.24
N MET C 158 -8.79 12.47 14.34
CA MET C 158 -9.05 12.65 12.93
C MET C 158 -10.32 11.99 12.52
N GLN C 159 -10.43 10.75 12.94
CA GLN C 159 -11.58 9.95 12.65
C GLN C 159 -12.77 10.62 13.19
N ASP C 160 -12.55 11.09 14.36
CA ASP C 160 -13.60 11.74 15.03
C ASP C 160 -14.14 12.87 14.22
N ILE C 161 -13.29 13.57 13.53
CA ILE C 161 -13.79 14.70 12.76
C ILE C 161 -14.50 14.39 11.49
N VAL C 162 -13.81 13.58 10.72
CA VAL C 162 -14.32 13.19 9.46
C VAL C 162 -15.68 12.64 9.64
N LEU C 163 -15.88 11.82 10.67
CA LEU C 163 -17.19 11.30 10.83
C LEU C 163 -18.24 12.38 10.97
N ASN C 164 -17.98 13.33 11.82
CA ASN C 164 -18.96 14.37 11.96
C ASN C 164 -19.30 15.16 10.72
N GLU C 165 -18.35 15.51 9.89
CA GLU C 165 -18.78 16.25 8.78
C GLU C 165 -19.57 15.42 7.86
N VAL C 166 -19.01 14.25 7.53
CA VAL C 166 -19.63 13.29 6.62
C VAL C 166 -21.10 13.22 6.87
N LYS C 167 -21.37 13.07 8.17
CA LYS C 167 -22.70 12.98 8.65
C LYS C 167 -23.44 14.28 8.55
N LYS C 168 -22.80 15.35 9.00
CA LYS C 168 -23.45 16.64 8.91
C LYS C 168 -23.89 16.88 7.50
N VAL C 169 -23.10 16.41 6.56
CA VAL C 169 -23.49 16.60 5.19
C VAL C 169 -24.74 15.82 4.81
N ASP C 170 -24.65 14.52 4.90
CA ASP C 170 -25.77 13.73 4.60
C ASP C 170 -25.66 12.66 5.63
N SER C 171 -26.78 12.44 6.32
CA SER C 171 -26.89 11.47 7.38
C SER C 171 -26.88 10.09 6.86
N GLU C 172 -27.11 10.04 5.54
CA GLU C 172 -27.14 8.79 4.81
C GLU C 172 -25.77 8.15 4.64
N TYR C 173 -24.73 8.95 4.44
CA TYR C 173 -23.39 8.43 4.30
C TYR C 173 -22.97 7.50 5.39
N ILE C 174 -22.15 6.56 4.99
CA ILE C 174 -21.57 5.54 5.82
C ILE C 174 -20.07 5.59 5.60
N ALA C 175 -19.31 5.82 6.67
CA ALA C 175 -17.87 5.89 6.52
C ALA C 175 -17.15 4.99 7.48
N THR C 176 -16.05 4.38 7.05
CA THR C 176 -15.31 3.51 7.93
C THR C 176 -13.88 3.70 7.71
N VAL C 177 -13.18 4.16 8.72
CA VAL C 177 -11.77 4.31 8.48
C VAL C 177 -11.18 2.93 8.45
N CYS C 178 -10.61 2.51 7.34
CA CYS C 178 -10.08 1.16 7.31
C CYS C 178 -8.66 1.11 7.72
N GLY C 179 -7.86 0.21 7.16
CA GLY C 179 -6.44 0.14 7.53
C GLY C 179 -6.13 -0.46 8.89
N SER C 180 -4.82 -0.37 9.25
CA SER C 180 -4.22 -0.86 10.51
C SER C 180 -4.88 -0.19 11.69
N PHE C 181 -5.25 1.05 11.48
CA PHE C 181 -5.91 1.81 12.51
C PHE C 181 -7.11 1.05 12.99
N ARG C 182 -7.79 0.50 12.00
CA ARG C 182 -8.98 -0.30 12.17
C ARG C 182 -8.67 -1.54 12.93
N ARG C 183 -7.54 -2.15 12.56
CA ARG C 183 -7.00 -3.37 13.15
C ARG C 183 -6.29 -3.17 14.47
N GLY C 184 -6.60 -2.09 15.20
CA GLY C 184 -5.97 -1.87 16.48
C GLY C 184 -4.73 -0.99 16.50
N ALA C 185 -3.81 -1.22 15.53
CA ALA C 185 -2.52 -0.54 15.33
C ALA C 185 -2.28 0.69 16.17
N GLU C 186 -1.09 0.79 16.77
CA GLU C 186 -0.75 1.94 17.63
C GLU C 186 -0.50 3.24 16.87
N SER C 187 -0.11 3.06 15.63
CA SER C 187 0.19 4.15 14.76
C SER C 187 -0.05 3.69 13.35
N SER C 188 -0.36 4.62 12.50
CA SER C 188 -0.59 4.21 11.14
C SER C 188 0.13 5.19 10.24
N GLY C 189 0.32 4.77 9.03
CA GLY C 189 1.01 5.58 8.06
C GLY C 189 0.19 6.67 7.44
N ASP C 190 -1.05 6.34 7.12
CA ASP C 190 -1.96 7.26 6.52
C ASP C 190 -3.36 6.81 6.75
N MET C 191 -4.29 7.74 6.70
CA MET C 191 -5.68 7.42 6.92
C MET C 191 -6.53 7.05 5.70
N ASP C 192 -7.11 5.83 5.66
CA ASP C 192 -7.99 5.37 4.57
C ASP C 192 -9.44 5.44 4.97
N VAL C 193 -10.21 6.28 4.39
CA VAL C 193 -11.63 6.31 4.76
C VAL C 193 -12.48 5.74 3.62
N LEU C 194 -13.22 4.60 3.78
CA LEU C 194 -14.10 4.00 2.73
C LEU C 194 -15.49 4.57 2.87
N LEU C 195 -15.98 5.06 1.79
CA LEU C 195 -17.25 5.65 1.89
C LEU C 195 -18.24 5.17 0.87
N THR C 196 -19.49 5.09 1.25
CA THR C 196 -20.51 4.66 0.31
C THR C 196 -21.81 5.31 0.65
N HIS C 197 -22.78 5.03 -0.15
CA HIS C 197 -24.06 5.60 0.13
C HIS C 197 -25.08 4.73 -0.57
N PRO C 198 -26.27 4.72 0.03
CA PRO C 198 -27.43 3.97 -0.42
C PRO C 198 -27.86 4.37 -1.81
N SER C 199 -27.80 5.65 -2.08
CA SER C 199 -28.20 6.02 -3.39
C SER C 199 -27.10 5.72 -4.44
N PHE C 200 -26.01 4.97 -4.11
CA PHE C 200 -24.89 4.62 -5.05
C PHE C 200 -24.49 3.17 -4.90
N THR C 201 -24.73 2.43 -6.01
CA THR C 201 -24.48 0.98 -6.12
C THR C 201 -24.10 0.49 -7.52
N SER C 202 -23.68 -0.80 -7.63
CA SER C 202 -23.27 -1.44 -8.91
C SER C 202 -23.77 -0.86 -10.22
N GLU C 203 -25.10 -0.66 -10.34
CA GLU C 203 -25.80 -0.12 -11.53
C GLU C 203 -25.87 1.41 -11.59
N SER C 204 -26.79 2.00 -10.77
CA SER C 204 -27.06 3.45 -10.62
C SER C 204 -25.90 4.30 -11.04
N THR C 205 -25.84 4.58 -12.34
CA THR C 205 -24.77 5.35 -12.91
C THR C 205 -24.21 6.54 -12.11
N LYS C 206 -23.28 6.24 -11.22
CA LYS C 206 -22.65 7.25 -10.41
C LYS C 206 -23.51 8.36 -9.81
N GLN C 207 -22.75 9.27 -9.21
CA GLN C 207 -23.19 10.49 -8.53
C GLN C 207 -21.94 11.14 -7.90
N PRO C 208 -21.01 11.47 -8.81
CA PRO C 208 -19.73 12.07 -8.52
C PRO C 208 -19.78 13.07 -7.39
N LYS C 209 -20.89 13.80 -7.30
CA LYS C 209 -20.98 14.76 -6.26
C LYS C 209 -20.88 14.14 -4.90
N LEU C 210 -21.38 12.90 -4.86
CA LEU C 210 -21.35 12.12 -3.63
C LEU C 210 -20.00 12.19 -2.95
N LEU C 211 -18.98 12.03 -3.77
CA LEU C 211 -17.63 12.09 -3.30
C LEU C 211 -17.24 13.50 -3.05
N HIS C 212 -17.62 14.35 -3.99
CA HIS C 212 -17.32 15.76 -3.96
C HIS C 212 -17.86 16.53 -2.83
N GLN C 213 -19.09 16.30 -2.44
CA GLN C 213 -19.57 17.10 -1.34
C GLN C 213 -18.83 16.88 -0.12
N VAL C 214 -18.46 15.64 0.20
CA VAL C 214 -17.74 15.50 1.46
C VAL C 214 -16.41 16.19 1.43
N VAL C 215 -15.76 16.05 0.31
CA VAL C 215 -14.48 16.66 0.20
C VAL C 215 -14.54 18.13 0.46
N GLU C 216 -15.49 18.71 -0.17
CA GLU C 216 -15.70 20.11 0.00
C GLU C 216 -15.99 20.47 1.47
N GLN C 217 -16.73 19.64 2.16
CA GLN C 217 -17.02 19.97 3.51
C GLN C 217 -15.75 19.95 4.28
N LEU C 218 -15.07 18.84 4.14
CA LEU C 218 -13.81 18.64 4.82
C LEU C 218 -12.81 19.77 4.63
N GLN C 219 -12.86 20.33 3.48
CA GLN C 219 -11.99 21.40 3.12
C GLN C 219 -12.49 22.69 3.73
N LYS C 220 -13.82 22.75 3.75
CA LYS C 220 -14.53 23.87 4.28
C LYS C 220 -14.07 24.21 5.67
N VAL C 221 -13.96 23.20 6.50
CA VAL C 221 -13.55 23.38 7.84
C VAL C 221 -12.04 23.35 8.04
N HIS C 222 -11.24 23.15 6.99
CA HIS C 222 -9.76 23.11 7.10
C HIS C 222 -9.13 21.86 7.61
N PHE C 223 -9.63 20.74 7.20
CA PHE C 223 -9.07 19.51 7.64
C PHE C 223 -8.30 19.04 6.43
N ILE C 224 -8.81 19.35 5.24
CA ILE C 224 -8.07 18.94 4.09
C ILE C 224 -7.27 20.13 3.68
N THR C 225 -5.98 20.01 3.53
CA THR C 225 -5.32 21.23 3.16
C THR C 225 -4.80 21.24 1.79
N ASP C 226 -4.81 20.09 1.20
CA ASP C 226 -4.31 19.98 -0.14
C ASP C 226 -4.87 18.76 -0.79
N THR C 227 -4.87 18.87 -2.10
CA THR C 227 -5.35 17.84 -2.97
C THR C 227 -4.26 17.27 -3.85
N LEU C 228 -4.05 16.02 -3.77
CA LEU C 228 -3.04 15.43 -4.59
C LEU C 228 -3.77 15.00 -5.86
N SER C 229 -4.92 14.34 -5.64
CA SER C 229 -5.67 13.90 -6.77
C SER C 229 -7.15 13.62 -6.46
N LYS C 230 -8.02 14.28 -7.19
CA LYS C 230 -9.41 14.06 -6.94
C LYS C 230 -10.14 13.58 -8.20
N GLY C 231 -10.74 12.40 -8.15
CA GLY C 231 -11.44 11.92 -9.32
C GLY C 231 -12.87 11.67 -8.97
N GLU C 232 -13.62 10.92 -9.77
CA GLU C 232 -14.98 10.72 -9.35
C GLU C 232 -15.24 9.66 -8.37
N THR C 233 -14.20 9.07 -7.86
CA THR C 233 -14.47 8.03 -6.91
C THR C 233 -13.38 7.87 -5.91
N LYS C 234 -12.24 8.49 -6.16
CA LYS C 234 -11.14 8.36 -5.26
C LYS C 234 -10.41 9.65 -5.12
N PHE C 235 -10.49 10.26 -3.97
CA PHE C 235 -9.81 11.50 -3.69
C PHE C 235 -8.58 11.17 -2.92
N MET C 236 -7.43 11.73 -3.25
CA MET C 236 -6.16 11.51 -2.54
C MET C 236 -5.62 12.86 -2.07
N GLY C 237 -5.66 13.19 -0.78
CA GLY C 237 -5.14 14.48 -0.36
C GLY C 237 -4.22 14.46 0.87
N VAL C 238 -4.14 15.63 1.55
CA VAL C 238 -3.36 15.93 2.78
C VAL C 238 -4.29 16.57 3.84
N CYS C 239 -4.13 16.23 5.14
CA CYS C 239 -4.96 16.81 6.19
C CYS C 239 -4.15 17.32 7.36
N GLN C 240 -4.85 17.92 8.34
CA GLN C 240 -4.15 18.42 9.49
C GLN C 240 -5.05 18.79 10.62
N LEU C 241 -4.69 18.32 11.79
CA LEU C 241 -5.47 18.65 12.94
C LEU C 241 -5.09 20.01 13.38
N PRO C 242 -6.12 20.77 13.55
CA PRO C 242 -6.11 22.12 13.98
C PRO C 242 -5.16 22.23 15.07
N SER C 243 -4.19 23.04 14.75
CA SER C 243 -3.13 23.31 15.65
C SER C 243 -3.79 24.18 16.68
N LYS C 244 -4.10 23.45 17.76
CA LYS C 244 -4.76 23.91 18.97
C LYS C 244 -4.60 25.40 19.25
N ASN C 245 -4.18 25.65 20.47
CA ASN C 245 -3.94 26.97 20.97
C ASN C 245 -2.42 27.12 21.00
N ASP C 246 -1.91 27.02 19.82
CA ASP C 246 -0.51 27.13 19.51
C ASP C 246 0.55 26.56 20.45
N GLU C 247 1.75 26.50 19.89
CA GLU C 247 2.99 26.01 20.48
C GLU C 247 3.21 24.62 19.92
N LYS C 248 2.09 24.03 19.49
CA LYS C 248 2.08 22.71 18.90
C LYS C 248 1.08 22.54 17.76
N GLU C 249 1.58 22.70 16.52
CA GLU C 249 0.81 22.55 15.29
C GLU C 249 1.04 21.09 14.89
N TYR C 250 0.05 20.48 14.26
CA TYR C 250 0.19 19.12 13.86
C TYR C 250 0.77 18.90 12.45
N PRO C 251 1.56 17.85 12.31
CA PRO C 251 2.17 17.47 11.09
C PRO C 251 1.06 17.15 10.11
N HIS C 252 1.40 17.37 8.80
CA HIS C 252 0.59 17.17 7.64
C HIS C 252 0.53 15.72 7.35
N ARG C 253 -0.73 15.21 7.31
CA ARG C 253 -1.05 13.79 7.08
C ARG C 253 -1.70 13.44 5.75
N ARG C 254 -1.34 12.29 5.25
CA ARG C 254 -1.87 11.80 3.99
C ARG C 254 -3.24 11.23 4.17
N ILE C 255 -4.17 11.69 3.39
CA ILE C 255 -5.48 11.10 3.52
C ILE C 255 -6.04 10.66 2.16
N ASP C 256 -6.77 9.53 2.16
CA ASP C 256 -7.43 8.97 0.96
C ASP C 256 -8.86 8.63 1.30
N ILE C 257 -9.77 9.02 0.43
CA ILE C 257 -11.20 8.79 0.57
C ILE C 257 -11.72 8.25 -0.72
N ARG C 258 -12.51 7.17 -0.65
CA ARG C 258 -13.05 6.54 -1.86
C ARG C 258 -14.51 6.09 -1.79
N LEU C 259 -15.29 6.50 -2.80
CA LEU C 259 -16.69 6.20 -2.92
C LEU C 259 -16.90 4.77 -3.34
N ILE C 260 -17.81 4.09 -2.66
CA ILE C 260 -18.11 2.71 -2.97
C ILE C 260 -19.59 2.50 -3.16
N PRO C 261 -19.88 1.73 -4.16
CA PRO C 261 -21.21 1.38 -4.48
C PRO C 261 -21.59 0.65 -3.25
N LYS C 262 -22.60 1.16 -2.57
CA LYS C 262 -23.04 0.53 -1.35
C LYS C 262 -23.15 -0.99 -1.43
N ASP C 263 -23.38 -1.51 -2.62
CA ASP C 263 -23.50 -2.95 -2.65
C ASP C 263 -22.23 -3.76 -2.46
N GLN C 264 -21.13 -3.04 -2.43
CA GLN C 264 -19.92 -3.75 -2.24
C GLN C 264 -19.02 -3.17 -1.18
N TYR C 265 -19.63 -2.41 -0.24
CA TYR C 265 -18.96 -1.80 0.86
C TYR C 265 -18.18 -2.82 1.67
N TYR C 266 -18.86 -3.64 2.53
CA TYR C 266 -18.20 -4.65 3.36
C TYR C 266 -17.16 -5.46 2.67
N CYS C 267 -17.33 -5.72 1.41
CA CYS C 267 -16.29 -6.48 0.76
C CYS C 267 -15.03 -5.68 0.76
N GLY C 268 -15.22 -4.40 0.43
CA GLY C 268 -14.12 -3.46 0.37
C GLY C 268 -13.53 -3.26 1.77
N VAL C 269 -14.42 -3.03 2.70
CA VAL C 269 -14.08 -2.84 4.06
C VAL C 269 -13.32 -4.05 4.58
N LEU C 270 -13.75 -5.21 4.13
CA LEU C 270 -13.08 -6.37 4.58
C LEU C 270 -11.66 -6.33 4.12
N TYR C 271 -11.61 -6.10 2.87
CA TYR C 271 -10.41 -6.04 2.14
C TYR C 271 -9.32 -5.03 2.55
N PHE C 272 -9.72 -3.78 2.74
CA PHE C 272 -8.83 -2.72 3.15
C PHE C 272 -8.56 -2.79 4.64
N THR C 273 -9.23 -3.70 5.34
CA THR C 273 -8.93 -3.78 6.74
C THR C 273 -7.73 -4.73 6.89
N GLY C 274 -7.42 -5.47 5.81
CA GLY C 274 -6.32 -6.40 5.82
C GLY C 274 -6.43 -7.33 7.03
N SER C 275 -5.31 -7.82 7.52
CA SER C 275 -4.02 -7.54 6.95
C SER C 275 -3.82 -8.34 5.69
N ASP C 276 -2.66 -8.21 5.10
CA ASP C 276 -2.37 -8.95 3.89
C ASP C 276 -2.58 -10.42 4.08
N ILE C 277 -2.17 -10.86 5.25
CA ILE C 277 -2.31 -12.26 5.58
C ILE C 277 -3.72 -12.66 5.90
N PHE C 278 -4.38 -11.89 6.75
CA PHE C 278 -5.74 -12.21 7.12
C PHE C 278 -6.58 -12.35 5.89
N ASN C 279 -6.13 -11.56 4.93
CA ASN C 279 -6.75 -11.49 3.65
C ASN C 279 -6.66 -12.74 2.87
N LYS C 280 -5.43 -13.09 2.58
CA LYS C 280 -5.19 -14.31 1.82
C LYS C 280 -5.87 -15.46 2.49
N ASN C 281 -5.45 -15.66 3.71
CA ASN C 281 -5.99 -16.71 4.53
C ASN C 281 -7.52 -16.66 4.51
N MET C 282 -8.08 -15.46 4.51
CA MET C 282 -9.50 -15.49 4.46
C MET C 282 -9.88 -15.99 3.08
N ARG C 283 -9.14 -15.50 2.10
CA ARG C 283 -9.30 -15.81 0.70
C ARG C 283 -9.17 -17.24 0.34
N ALA C 284 -8.19 -17.89 0.91
CA ALA C 284 -7.99 -19.29 0.62
C ALA C 284 -9.14 -20.13 1.21
N HIS C 285 -9.53 -19.82 2.43
CA HIS C 285 -10.60 -20.56 3.05
C HIS C 285 -11.94 -20.50 2.30
N ALA C 286 -12.31 -19.33 1.79
CA ALA C 286 -13.57 -19.16 1.06
C ALA C 286 -13.68 -20.07 -0.15
N LEU C 287 -12.48 -20.51 -0.64
CA LEU C 287 -12.24 -21.39 -1.79
C LEU C 287 -12.66 -22.84 -1.60
N GLU C 288 -12.32 -23.34 -0.41
CA GLU C 288 -12.65 -24.68 -0.01
C GLU C 288 -14.14 -24.60 0.19
N LYS C 289 -14.50 -23.71 1.10
CA LYS C 289 -15.89 -23.45 1.46
C LYS C 289 -16.80 -23.04 0.29
N GLY C 290 -16.43 -23.48 -0.95
CA GLY C 290 -17.10 -23.26 -2.24
C GLY C 290 -17.36 -21.84 -2.74
N PHE C 291 -16.38 -20.97 -2.62
CA PHE C 291 -16.54 -19.62 -3.06
C PHE C 291 -15.28 -19.00 -3.55
N THR C 292 -15.44 -17.70 -3.58
CA THR C 292 -14.47 -16.74 -3.97
C THR C 292 -14.77 -15.36 -3.41
N ILE C 293 -13.68 -14.69 -3.06
CA ILE C 293 -13.67 -13.37 -2.48
C ILE C 293 -12.71 -12.50 -3.27
N ASN C 294 -13.00 -11.22 -3.28
CA ASN C 294 -12.22 -10.22 -3.97
C ASN C 294 -12.54 -8.84 -3.41
N GLU C 295 -11.94 -7.83 -3.99
CA GLU C 295 -12.17 -6.50 -3.51
C GLU C 295 -13.65 -6.05 -3.43
N TYR C 296 -14.51 -6.72 -4.19
CA TYR C 296 -15.88 -6.27 -4.14
C TYR C 296 -16.98 -7.28 -3.97
N THR C 297 -16.68 -8.56 -4.03
CA THR C 297 -17.76 -9.53 -3.90
C THR C 297 -17.30 -10.92 -3.50
N ILE C 298 -18.30 -11.76 -3.30
CA ILE C 298 -18.06 -13.12 -2.95
C ILE C 298 -19.08 -13.94 -3.74
N ARG C 299 -18.53 -14.67 -4.70
CA ARG C 299 -19.31 -15.52 -5.61
C ARG C 299 -19.15 -17.04 -5.40
N PRO C 300 -20.30 -17.74 -5.14
CA PRO C 300 -20.27 -19.18 -4.93
C PRO C 300 -19.55 -19.82 -6.08
N LEU C 301 -18.90 -20.92 -5.77
CA LEU C 301 -18.17 -21.63 -6.78
C LEU C 301 -18.97 -22.81 -7.32
N GLY C 302 -18.95 -22.94 -8.66
CA GLY C 302 -19.63 -24.00 -9.38
C GLY C 302 -18.61 -25.02 -9.83
N VAL C 303 -19.00 -26.29 -9.88
CA VAL C 303 -18.05 -27.32 -10.30
C VAL C 303 -17.40 -27.36 -11.68
N THR C 304 -17.99 -26.73 -12.72
CA THR C 304 -17.43 -26.71 -14.08
C THR C 304 -16.00 -26.20 -14.18
N GLY C 305 -15.49 -25.87 -13.02
CA GLY C 305 -14.18 -25.36 -12.86
C GLY C 305 -14.34 -24.08 -12.07
N VAL C 306 -15.15 -23.17 -12.67
CA VAL C 306 -15.44 -21.85 -12.12
C VAL C 306 -16.91 -21.60 -11.99
N ALA C 307 -17.26 -20.37 -11.59
CA ALA C 307 -18.64 -19.92 -11.40
C ALA C 307 -18.76 -18.49 -10.81
N GLY C 308 -19.88 -17.78 -11.11
CA GLY C 308 -20.14 -16.41 -10.64
C GLY C 308 -21.45 -16.26 -9.84
N GLU C 309 -21.98 -15.01 -9.74
CA GLU C 309 -23.23 -14.71 -8.99
C GLU C 309 -23.20 -14.20 -7.57
N PRO C 310 -22.68 -12.94 -7.42
CA PRO C 310 -22.46 -12.13 -6.24
C PRO C 310 -23.38 -12.14 -5.03
N LEU C 311 -23.07 -12.96 -4.07
CA LEU C 311 -23.89 -13.05 -2.91
C LEU C 311 -24.07 -11.70 -2.22
N PRO C 312 -25.25 -11.57 -1.58
CA PRO C 312 -25.74 -10.42 -0.83
C PRO C 312 -25.22 -10.32 0.57
N VAL C 313 -24.27 -9.35 0.69
CA VAL C 313 -23.52 -8.94 1.88
C VAL C 313 -23.98 -7.61 2.54
N ASP C 314 -24.53 -7.71 3.78
CA ASP C 314 -25.04 -6.60 4.61
C ASP C 314 -24.21 -6.09 5.81
N SER C 315 -23.10 -6.77 6.06
CA SER C 315 -22.16 -6.46 7.11
C SER C 315 -21.01 -7.44 6.97
N GLU C 316 -19.87 -7.18 7.62
CA GLU C 316 -18.67 -8.03 7.56
C GLU C 316 -18.94 -9.48 7.91
N LYS C 317 -19.99 -9.62 8.70
CA LYS C 317 -20.52 -10.86 9.20
C LYS C 317 -20.83 -11.83 8.07
N ASP C 318 -21.83 -11.40 7.25
CA ASP C 318 -22.30 -12.15 6.08
C ASP C 318 -21.16 -12.81 5.34
N ILE C 319 -20.09 -12.07 5.22
CA ILE C 319 -18.96 -12.64 4.55
C ILE C 319 -18.47 -13.82 5.35
N PHE C 320 -18.36 -13.57 6.67
CA PHE C 320 -17.91 -14.59 7.58
C PHE C 320 -18.77 -15.83 7.40
N ASP C 321 -20.07 -15.67 7.71
CA ASP C 321 -21.12 -16.69 7.61
C ASP C 321 -21.06 -17.46 6.32
N TYR C 322 -20.90 -16.74 5.24
CA TYR C 322 -20.82 -17.35 3.95
C TYR C 322 -19.74 -18.38 4.00
N ILE C 323 -18.53 -17.95 4.16
CA ILE C 323 -17.50 -18.93 4.21
C ILE C 323 -17.56 -19.76 5.47
N GLN C 324 -18.57 -19.44 6.30
CA GLN C 324 -18.87 -20.07 7.57
C GLN C 324 -17.73 -20.10 8.55
N TRP C 325 -17.21 -18.93 8.84
CA TRP C 325 -16.11 -18.75 9.74
C TRP C 325 -16.54 -18.10 11.01
N LYS C 326 -15.53 -17.82 11.84
CA LYS C 326 -15.74 -17.15 13.12
C LYS C 326 -15.54 -15.69 12.84
N TYR C 327 -16.50 -14.85 13.22
CA TYR C 327 -16.30 -13.45 12.95
C TYR C 327 -15.07 -13.07 13.75
N ARG C 328 -14.07 -12.51 13.08
CA ARG C 328 -12.83 -12.08 13.72
C ARG C 328 -12.79 -10.57 13.79
N GLU C 329 -12.73 -10.04 15.01
CA GLU C 329 -12.68 -8.62 15.20
C GLU C 329 -11.49 -8.14 14.41
N PRO C 330 -11.59 -6.90 13.96
CA PRO C 330 -10.54 -6.31 13.18
C PRO C 330 -9.23 -6.47 13.91
N LYS C 331 -9.32 -6.36 15.25
CA LYS C 331 -8.20 -6.47 16.17
C LYS C 331 -7.35 -7.70 15.94
N ASP C 332 -8.01 -8.82 15.60
CA ASP C 332 -7.34 -10.09 15.36
C ASP C 332 -7.16 -10.50 13.92
N ARG C 333 -7.58 -9.65 12.98
CA ARG C 333 -7.42 -9.97 11.56
C ARG C 333 -5.95 -9.77 11.19
N SER C 334 -5.07 -9.96 12.17
CA SER C 334 -3.64 -9.78 11.99
C SER C 334 -2.89 -10.79 11.13
N GLU C 335 -3.54 -11.94 10.84
CA GLU C 335 -3.04 -13.05 10.03
C GLU C 335 -4.07 -14.13 9.91
MN MN D . -2.76 2.73 5.59
MN MN E . -4.09 4.36 2.28
NA NA F . 8.16 8.47 -4.19
NA NA G . 17.51 -24.93 -12.02
PA AZT H . -1.41 0.72 3.58
O1A AZT H . -1.96 2.07 3.84
O2A AZT H . -0.25 0.59 2.66
O3A AZT H . -1.11 -0.01 4.96
PB AZT H . -1.97 -0.34 6.31
O1B AZT H . -2.09 -1.80 6.43
O2B AZT H . -3.21 0.49 6.45
O3B AZT H . -0.94 0.15 7.39
PG AZT H . -0.43 1.62 7.80
O1G AZT H . -1.10 2.59 6.91
O2G AZT H . -0.59 1.76 9.28
O3G AZT H . 1.10 1.43 7.37
O5' AZT H . -2.58 -0.19 3.03
C5' AZT H . -3.79 0.44 2.71
C4' AZT H . -4.77 -0.57 2.19
O4' AZT H . -4.83 -0.47 0.75
C3' AZT H . -4.40 -2.02 2.53
N3' AZT H . -5.34 -2.83 3.13
N4' AZT H . -6.15 -3.69 3.66
C2' AZT H . -3.97 -2.62 1.18
C1' AZT H . -4.71 -1.76 0.17
N1 AZT H . -3.96 -1.62 -1.14
C2 AZT H . -4.30 -2.03 -2.44
O2 AZT H . -5.51 -2.09 -2.79
N3 AZT H . -3.26 -2.32 -3.31
C4 AZT H . -1.96 -2.25 -2.90
O4 AZT H . -0.95 -2.55 -3.78
C5 AZT H . -1.62 -1.85 -1.59
C5A AZT H . -0.15 -1.63 -1.30
C6 AZT H . -2.64 -1.56 -0.71
#